data_3U64
#
_entry.id   3U64
#
_cell.length_a   127.078
_cell.length_b   127.078
_cell.length_c   127.078
_cell.angle_alpha   90.000
_cell.angle_beta   90.000
_cell.angle_gamma   90.000
#
_symmetry.space_group_name_H-M   'I 2 3'
#
loop_
_entity.id
_entity.type
_entity.pdbx_description
1 polymer 'Protein TP_0956'
2 non-polymer 'SULFATE ION'
3 water water
#
_entity_poly.entity_id   1
_entity_poly.type   'polypeptide(L)'
_entity_poly.pdbx_seq_one_letter_code
;SLKRLAFSSLSHTLAPFPEGELDAHLSDADFTRVFTEEDDLDLVAQSLPLVLKVYEALHLQNPAHRGLSLAVGRLYIMYA
NAFVQTPAQYLPEDEFEAQNEAYSRARKLYLRGARYALSSLETAYPGFTREVFSGDEQRLHKVLSRCTRVDVGTLYWVGT
GYVAAFALTPLGSALPDTVHAAVMMLERACDLWPSYQEGAVWNVLTKFYAAAPESFGGGMEKAHTAFEHLTRYCSAHDPD
HHITYADALCIPLNNRAGFDEALDRALAIDPESVPHNKLLVILSQKRARWLKAHVQDFFLD
;
_entity_poly.pdbx_strand_id   A
#
# COMPACT_ATOMS: atom_id res chain seq x y z
N ASP A 30 8.77 14.51 14.13
CA ASP A 30 9.51 15.75 14.36
C ASP A 30 9.79 16.40 13.02
N PHE A 31 10.52 15.65 12.20
CA PHE A 31 10.98 16.05 10.89
C PHE A 31 9.97 15.57 9.84
N THR A 32 9.22 14.54 10.21
CA THR A 32 8.23 13.99 9.29
C THR A 32 7.01 14.92 9.12
N ARG A 33 6.72 15.69 10.16
CA ARG A 33 5.63 16.67 10.14
C ARG A 33 5.75 17.67 8.97
N VAL A 34 6.98 18.11 8.69
CA VAL A 34 7.17 19.04 7.59
C VAL A 34 6.90 18.41 6.22
N PHE A 35 6.92 17.08 6.16
CA PHE A 35 6.54 16.40 4.93
C PHE A 35 5.05 16.04 4.94
N THR A 36 4.56 15.46 6.03
CA THR A 36 3.19 14.94 6.07
C THR A 36 2.10 16.01 6.10
N GLU A 37 2.46 17.22 6.53
CA GLU A 37 1.48 18.32 6.56
C GLU A 37 1.67 19.29 5.37
N GLU A 38 2.55 18.91 4.46
CA GLU A 38 2.84 19.71 3.29
C GLU A 38 1.62 19.73 2.36
N ASP A 39 1.39 20.85 1.66
CA ASP A 39 0.39 20.89 0.59
C ASP A 39 1.01 21.07 -0.81
N ASP A 40 2.32 21.25 -0.85
CA ASP A 40 3.05 21.44 -2.11
C ASP A 40 3.77 20.15 -2.53
N LEU A 41 3.18 19.43 -3.47
CA LEU A 41 3.75 18.16 -3.91
C LEU A 41 5.16 18.27 -4.44
N ASP A 42 5.43 19.28 -5.25
CA ASP A 42 6.75 19.42 -5.88
C ASP A 42 7.88 19.55 -4.87
N LEU A 43 7.66 20.32 -3.81
CA LEU A 43 8.68 20.45 -2.76
C LEU A 43 9.00 19.10 -2.12
N VAL A 44 7.96 18.31 -1.88
CA VAL A 44 8.14 16.98 -1.32
C VAL A 44 8.89 16.08 -2.31
N ALA A 45 8.38 15.99 -3.55
CA ALA A 45 8.98 15.15 -4.57
C ALA A 45 10.45 15.44 -4.75
N GLN A 46 10.82 16.72 -4.70
CA GLN A 46 12.21 17.09 -4.96
C GLN A 46 13.13 16.90 -3.76
N SER A 47 12.57 16.89 -2.56
CA SER A 47 13.39 16.74 -1.37
C SER A 47 13.46 15.29 -0.86
N LEU A 48 12.47 14.48 -1.19
CA LEU A 48 12.44 13.12 -0.64
C LEU A 48 13.64 12.21 -1.06
N PRO A 49 14.11 12.31 -2.32
CA PRO A 49 15.21 11.42 -2.71
C PRO A 49 16.45 11.41 -1.78
N LEU A 50 17.04 12.55 -1.43
CA LEU A 50 18.21 12.50 -0.55
C LEU A 50 17.85 11.94 0.82
N VAL A 51 16.66 12.28 1.29
CA VAL A 51 16.14 11.70 2.53
C VAL A 51 16.11 10.16 2.49
N LEU A 52 15.57 9.61 1.41
CA LEU A 52 15.60 8.17 1.22
C LEU A 52 17.05 7.68 1.31
N LYS A 53 17.96 8.40 0.66
CA LYS A 53 19.34 7.98 0.62
C LYS A 53 20.00 8.02 2.00
N VAL A 54 19.71 9.07 2.77
CA VAL A 54 20.26 9.16 4.13
C VAL A 54 19.73 8.05 5.04
N TYR A 55 18.42 7.80 5.01
CA TYR A 55 17.88 6.73 5.83
C TYR A 55 18.48 5.41 5.41
N GLU A 56 18.61 5.24 4.10
CA GLU A 56 19.14 4.01 3.58
C GLU A 56 20.54 3.81 4.13
N ALA A 57 21.36 4.86 4.12
CA ALA A 57 22.73 4.74 4.62
C ALA A 57 22.76 4.46 6.14
N LEU A 58 21.89 5.13 6.88
CA LEU A 58 21.80 4.88 8.32
C LEU A 58 21.44 3.43 8.57
N HIS A 59 20.52 2.91 7.77
CA HIS A 59 20.09 1.54 7.94
C HIS A 59 21.23 0.55 7.73
N LEU A 60 22.06 0.80 6.73
CA LEU A 60 23.12 -0.15 6.36
C LEU A 60 24.27 -0.07 7.35
N GLN A 61 24.37 1.08 7.99
CA GLN A 61 25.35 1.31 9.02
C GLN A 61 24.91 0.72 10.36
N ASN A 62 23.61 0.49 10.52
CA ASN A 62 23.06 -0.08 11.76
C ASN A 62 21.98 -1.13 11.51
N PRO A 63 22.36 -2.25 10.87
CA PRO A 63 21.38 -3.20 10.32
C PRO A 63 20.49 -3.87 11.39
N ALA A 64 20.82 -3.72 12.67
CA ALA A 64 20.04 -4.36 13.74
C ALA A 64 19.05 -3.39 14.36
N HIS A 65 19.06 -2.16 13.87
CA HIS A 65 18.08 -1.19 14.33
C HIS A 65 16.77 -1.44 13.57
N ARG A 66 15.80 -1.99 14.27
CA ARG A 66 14.54 -2.36 13.66
C ARG A 66 13.75 -1.14 13.19
N GLY A 67 13.76 -0.08 13.99
CA GLY A 67 13.10 1.15 13.62
C GLY A 67 13.60 1.73 12.30
N LEU A 68 14.92 1.67 12.08
CA LEU A 68 15.54 2.21 10.87
C LEU A 68 15.20 1.35 9.65
N SER A 69 15.26 0.03 9.83
CA SER A 69 14.80 -0.91 8.81
C SER A 69 13.40 -0.57 8.36
N LEU A 70 12.48 -0.47 9.31
CA LEU A 70 11.08 -0.16 8.99
C LEU A 70 10.96 1.21 8.33
N ALA A 71 11.61 2.22 8.90
CA ALA A 71 11.45 3.57 8.41
C ALA A 71 11.82 3.64 6.94
N VAL A 72 13.01 3.14 6.61
CA VAL A 72 13.48 3.26 5.24
C VAL A 72 12.60 2.44 4.29
N GLY A 73 12.15 1.27 4.73
CA GLY A 73 11.24 0.46 3.94
C GLY A 73 9.94 1.20 3.61
N ARG A 74 9.31 1.77 4.63
CA ARG A 74 8.06 2.50 4.47
C ARG A 74 8.26 3.67 3.49
N LEU A 75 9.38 4.36 3.65
CA LEU A 75 9.70 5.52 2.84
C LEU A 75 9.78 5.18 1.34
N TYR A 76 10.50 4.12 1.01
CA TYR A 76 10.59 3.67 -0.38
C TYR A 76 9.21 3.33 -0.94
N ILE A 77 8.39 2.64 -0.14
CA ILE A 77 7.06 2.24 -0.60
C ILE A 77 6.13 3.45 -0.85
N MET A 78 6.16 4.42 0.06
CA MET A 78 5.35 5.62 -0.09
C MET A 78 5.83 6.48 -1.24
N TYR A 79 7.15 6.65 -1.33
CA TYR A 79 7.70 7.34 -2.48
C TYR A 79 7.31 6.62 -3.77
N ALA A 80 7.49 5.30 -3.81
CA ALA A 80 7.20 4.57 -5.06
C ALA A 80 5.77 4.85 -5.50
N ASN A 81 4.84 4.87 -4.56
CA ASN A 81 3.46 5.08 -4.91
C ASN A 81 3.18 6.53 -5.33
N ALA A 82 3.46 7.44 -4.42
CA ALA A 82 3.10 8.85 -4.63
C ALA A 82 3.89 9.52 -5.75
N PHE A 83 5.17 9.17 -5.92
CA PHE A 83 6.01 9.94 -6.84
C PHE A 83 6.57 9.19 -8.02
N VAL A 84 6.26 7.90 -8.12
CA VAL A 84 6.64 7.14 -9.31
C VAL A 84 5.41 6.59 -10.03
N GLN A 85 4.67 5.72 -9.34
CA GLN A 85 3.52 5.07 -9.93
C GLN A 85 2.42 6.05 -10.30
N THR A 86 2.06 6.90 -9.35
CA THR A 86 0.93 7.77 -9.51
C THR A 86 1.10 8.73 -10.71
N PRO A 87 2.22 9.47 -10.78
CA PRO A 87 2.45 10.33 -11.97
C PRO A 87 2.43 9.56 -13.31
N ALA A 88 2.94 8.34 -13.32
CA ALA A 88 2.89 7.50 -14.50
C ALA A 88 1.43 7.29 -14.92
N GLN A 89 0.55 7.15 -13.95
CA GLN A 89 -0.86 6.87 -14.23
C GLN A 89 -1.54 8.05 -14.90
N TYR A 90 -1.01 9.24 -14.71
CA TYR A 90 -1.63 10.43 -15.27
C TYR A 90 -1.05 10.76 -16.64
N LEU A 91 -0.19 9.88 -17.16
CA LEU A 91 0.35 10.05 -18.50
C LEU A 91 -0.71 9.69 -19.56
N PRO A 92 -0.56 10.25 -20.76
CA PRO A 92 -1.43 10.01 -21.93
C PRO A 92 -1.19 8.63 -22.58
N GLU A 93 -2.25 8.07 -23.14
CA GLU A 93 -2.22 6.82 -23.92
C GLU A 93 -0.98 6.61 -24.80
N ASP A 94 -0.57 7.63 -25.53
CA ASP A 94 0.49 7.47 -26.52
C ASP A 94 1.86 7.26 -25.89
N GLU A 95 2.03 7.76 -24.65
CA GLU A 95 3.29 7.61 -23.96
C GLU A 95 3.31 6.41 -23.04
N PHE A 96 2.70 5.32 -23.50
CA PHE A 96 2.65 4.07 -22.75
C PHE A 96 4.05 3.51 -22.45
N GLU A 97 5.01 3.75 -23.33
CA GLU A 97 6.37 3.26 -23.14
C GLU A 97 6.97 3.82 -21.86
N ALA A 98 6.96 5.15 -21.74
CA ALA A 98 7.40 5.81 -20.51
C ALA A 98 6.57 5.34 -19.31
N GLN A 99 5.30 5.03 -19.55
CA GLN A 99 4.44 4.54 -18.48
C GLN A 99 4.91 3.17 -17.97
N ASN A 100 5.13 2.26 -18.90
CA ASN A 100 5.59 0.92 -18.58
C ASN A 100 6.93 0.92 -17.88
N GLU A 101 7.81 1.81 -18.32
CA GLU A 101 9.11 1.94 -17.67
C GLU A 101 8.98 2.51 -16.26
N ALA A 102 8.07 3.46 -16.07
CA ALA A 102 7.83 4.02 -14.73
C ALA A 102 7.16 2.97 -13.84
N TYR A 103 6.23 2.20 -14.39
CA TYR A 103 5.67 1.09 -13.61
C TYR A 103 6.73 0.07 -13.18
N SER A 104 7.69 -0.24 -14.05
CA SER A 104 8.74 -1.21 -13.72
C SER A 104 9.65 -0.63 -12.65
N ARG A 105 9.88 0.68 -12.76
CA ARG A 105 10.64 1.40 -11.74
C ARG A 105 9.93 1.37 -10.38
N ALA A 106 8.63 1.64 -10.35
CA ALA A 106 7.87 1.59 -9.10
C ALA A 106 7.91 0.18 -8.50
N ARG A 107 7.72 -0.81 -9.35
CA ARG A 107 7.74 -2.19 -8.94
C ARG A 107 9.05 -2.53 -8.19
N LYS A 108 10.19 -2.13 -8.76
CA LYS A 108 11.49 -2.38 -8.13
C LYS A 108 11.64 -1.65 -6.80
N LEU A 109 11.12 -0.43 -6.74
CA LEU A 109 11.14 0.35 -5.50
C LEU A 109 10.22 -0.26 -4.42
N TYR A 110 9.03 -0.72 -4.80
CA TYR A 110 8.18 -1.43 -3.84
C TYR A 110 8.96 -2.59 -3.21
N LEU A 111 9.64 -3.35 -4.07
CA LEU A 111 10.29 -4.55 -3.63
C LEU A 111 11.50 -4.22 -2.76
N ARG A 112 12.22 -3.16 -3.09
CA ARG A 112 13.35 -2.74 -2.27
C ARG A 112 12.82 -2.31 -0.91
N GLY A 113 11.73 -1.56 -0.93
CA GLY A 113 11.06 -1.10 0.28
C GLY A 113 10.58 -2.29 1.12
N ALA A 114 9.94 -3.25 0.48
CA ALA A 114 9.43 -4.40 1.24
C ALA A 114 10.56 -5.19 1.89
N ARG A 115 11.68 -5.31 1.16
CA ARG A 115 12.81 -6.09 1.63
C ARG A 115 13.56 -5.39 2.77
N TYR A 116 13.62 -4.06 2.70
CA TYR A 116 14.17 -3.28 3.80
C TYR A 116 13.35 -3.48 5.08
N ALA A 117 12.02 -3.42 4.96
CA ALA A 117 11.16 -3.56 6.14
C ALA A 117 11.23 -4.98 6.68
N LEU A 118 11.31 -5.93 5.76
CA LEU A 118 11.42 -7.34 6.13
C LEU A 118 12.66 -7.59 7.00
N SER A 119 13.69 -6.74 6.87
CA SER A 119 14.89 -6.99 7.68
C SER A 119 14.64 -6.66 9.16
N SER A 120 13.62 -5.85 9.44
CA SER A 120 13.16 -5.68 10.81
C SER A 120 12.65 -7.01 11.38
N LEU A 121 11.83 -7.75 10.63
CA LEU A 121 11.40 -9.08 11.06
C LEU A 121 12.58 -10.06 11.15
N GLU A 122 13.48 -9.99 10.18
CA GLU A 122 14.65 -10.88 10.18
C GLU A 122 15.56 -10.66 11.40
N THR A 123 15.69 -9.41 11.81
CA THR A 123 16.48 -9.04 12.99
C THR A 123 15.82 -9.61 14.25
N ALA A 124 14.50 -9.49 14.32
CA ALA A 124 13.75 -9.95 15.49
C ALA A 124 13.65 -11.47 15.59
N TYR A 125 13.66 -12.14 14.44
CA TYR A 125 13.46 -13.60 14.38
C TYR A 125 14.31 -14.19 13.28
N PRO A 126 15.59 -14.41 13.58
CA PRO A 126 16.55 -14.95 12.60
C PRO A 126 16.00 -16.17 11.87
N GLY A 127 16.09 -16.17 10.55
CA GLY A 127 15.61 -17.29 9.75
C GLY A 127 14.20 -17.05 9.26
N PHE A 128 13.64 -15.90 9.66
CA PHE A 128 12.26 -15.52 9.33
C PHE A 128 12.01 -15.53 7.83
N THR A 129 12.97 -15.00 7.06
CA THR A 129 12.85 -14.89 5.61
C THR A 129 12.81 -16.24 4.90
N ARG A 130 13.63 -17.18 5.36
CA ARG A 130 13.66 -18.52 4.79
C ARG A 130 12.35 -19.23 5.07
N GLU A 131 11.84 -19.07 6.29
CA GLU A 131 10.60 -19.72 6.67
C GLU A 131 9.43 -19.13 5.92
N VAL A 132 9.32 -17.80 5.97
CA VAL A 132 8.12 -17.15 5.49
C VAL A 132 7.98 -17.35 3.97
N PHE A 133 9.09 -17.52 3.27
CA PHE A 133 9.02 -17.74 1.83
C PHE A 133 9.29 -19.20 1.43
N SER A 134 9.19 -20.12 2.40
CA SER A 134 9.49 -21.53 2.17
C SER A 134 8.53 -22.22 1.18
N GLY A 135 7.33 -21.67 1.01
CA GLY A 135 6.28 -22.34 0.26
C GLY A 135 5.63 -23.47 1.04
N ASP A 136 6.12 -23.69 2.26
CA ASP A 136 5.58 -24.70 3.16
C ASP A 136 4.60 -24.03 4.11
N GLU A 137 3.32 -24.37 4.00
CA GLU A 137 2.29 -23.65 4.72
C GLU A 137 2.46 -23.73 6.23
N GLN A 138 2.94 -24.87 6.69
CA GLN A 138 3.12 -25.12 8.11
C GLN A 138 4.30 -24.31 8.68
N ARG A 139 5.35 -24.17 7.90
CA ARG A 139 6.47 -23.32 8.28
C ARG A 139 6.05 -21.85 8.23
N LEU A 140 5.27 -21.48 7.23
CA LEU A 140 4.78 -20.10 7.10
C LEU A 140 3.94 -19.73 8.34
N HIS A 141 2.98 -20.60 8.65
CA HIS A 141 2.08 -20.39 9.78
C HIS A 141 2.82 -20.43 11.12
N LYS A 142 3.82 -21.29 11.24
CA LYS A 142 4.55 -21.39 12.49
C LYS A 142 5.35 -20.12 12.73
N VAL A 143 5.96 -19.59 11.68
CA VAL A 143 6.77 -18.39 11.88
C VAL A 143 5.90 -17.16 12.12
N LEU A 144 4.73 -17.14 11.49
CA LEU A 144 3.83 -16.01 11.69
C LEU A 144 3.23 -16.05 13.09
N SER A 145 3.23 -17.22 13.71
CA SER A 145 2.64 -17.34 15.04
C SER A 145 3.58 -16.80 16.12
N ARG A 146 4.82 -16.54 15.72
CA ARG A 146 5.81 -15.97 16.62
C ARG A 146 5.65 -14.45 16.75
N CYS A 147 4.98 -13.86 15.76
CA CYS A 147 4.79 -12.41 15.71
C CYS A 147 3.85 -11.89 16.79
N THR A 148 4.14 -10.72 17.30
CA THR A 148 3.27 -10.06 18.27
C THR A 148 2.83 -8.67 17.76
N ARG A 149 2.09 -7.96 18.61
CA ARG A 149 1.54 -6.67 18.24
C ARG A 149 2.66 -5.71 17.89
N VAL A 150 3.82 -5.94 18.50
CA VAL A 150 5.00 -5.11 18.23
C VAL A 150 5.44 -5.23 16.76
N ASP A 151 5.10 -6.35 16.12
CA ASP A 151 5.51 -6.64 14.74
C ASP A 151 4.51 -6.19 13.68
N VAL A 152 3.38 -5.63 14.11
CA VAL A 152 2.29 -5.33 13.20
C VAL A 152 2.67 -4.27 12.16
N GLY A 153 3.30 -3.19 12.59
CA GLY A 153 3.79 -2.18 11.66
C GLY A 153 4.61 -2.81 10.54
N THR A 154 5.49 -3.72 10.92
CA THR A 154 6.42 -4.33 9.97
C THR A 154 5.68 -5.24 9.00
N LEU A 155 4.78 -6.06 9.54
CA LEU A 155 3.97 -6.97 8.75
C LEU A 155 3.20 -6.19 7.68
N TYR A 156 2.65 -5.06 8.10
CA TYR A 156 1.81 -4.24 7.25
C TYR A 156 2.62 -3.71 6.06
N TRP A 157 3.80 -3.17 6.34
CA TRP A 157 4.60 -2.53 5.29
C TRP A 157 5.21 -3.54 4.32
N VAL A 158 5.72 -4.66 4.85
CA VAL A 158 6.25 -5.73 4.01
C VAL A 158 5.16 -6.29 3.11
N GLY A 159 4.02 -6.64 3.70
CA GLY A 159 2.91 -7.18 2.93
C GLY A 159 2.45 -6.17 1.89
N THR A 160 2.35 -4.91 2.28
CA THR A 160 1.90 -3.87 1.34
C THR A 160 2.87 -3.70 0.17
N GLY A 161 4.18 -3.69 0.48
CA GLY A 161 5.20 -3.56 -0.55
C GLY A 161 5.08 -4.65 -1.60
N TYR A 162 4.92 -5.88 -1.15
CA TYR A 162 4.83 -7.01 -2.06
C TYR A 162 3.53 -6.99 -2.89
N VAL A 163 2.40 -6.70 -2.25
CA VAL A 163 1.13 -6.55 -2.94
C VAL A 163 1.16 -5.40 -3.95
N ALA A 164 1.82 -4.29 -3.61
CA ALA A 164 1.91 -3.17 -4.53
C ALA A 164 2.81 -3.57 -5.73
N ALA A 165 3.84 -4.37 -5.47
CA ALA A 165 4.70 -4.81 -6.58
C ALA A 165 3.94 -5.76 -7.51
N PHE A 166 3.15 -6.65 -6.90
CA PHE A 166 2.37 -7.65 -7.65
C PHE A 166 1.36 -6.98 -8.59
N ALA A 167 0.75 -5.91 -8.11
CA ALA A 167 -0.21 -5.15 -8.90
C ALA A 167 0.39 -4.61 -10.21
N LEU A 168 1.71 -4.57 -10.29
CA LEU A 168 2.40 -4.04 -11.47
C LEU A 168 3.19 -5.14 -12.17
N THR A 169 3.03 -6.36 -11.67
CA THR A 169 3.74 -7.52 -12.18
C THR A 169 2.80 -8.23 -13.15
N PRO A 170 3.29 -8.50 -14.37
CA PRO A 170 2.52 -9.28 -15.35
C PRO A 170 2.04 -10.59 -14.74
N LEU A 171 0.73 -10.85 -14.81
CA LEU A 171 0.13 -12.00 -14.15
C LEU A 171 0.81 -13.33 -14.47
N GLY A 172 1.57 -13.36 -15.57
CA GLY A 172 2.24 -14.58 -15.99
C GLY A 172 3.60 -14.79 -15.36
N SER A 173 4.29 -13.71 -15.02
CA SER A 173 5.62 -13.83 -14.44
C SER A 173 5.66 -13.37 -12.98
N ALA A 174 4.58 -13.62 -12.25
CA ALA A 174 4.55 -13.32 -10.82
C ALA A 174 5.05 -14.52 -10.03
N LEU A 175 5.09 -14.38 -8.71
CA LEU A 175 5.60 -15.43 -7.84
C LEU A 175 4.58 -15.75 -6.76
N PRO A 176 3.72 -16.76 -7.02
CA PRO A 176 2.58 -17.06 -6.14
C PRO A 176 2.97 -17.19 -4.67
N ASP A 177 4.14 -17.77 -4.39
CA ASP A 177 4.57 -17.99 -3.01
C ASP A 177 4.97 -16.71 -2.29
N THR A 178 5.54 -15.76 -3.03
CA THR A 178 5.84 -14.45 -2.48
C THR A 178 4.53 -13.72 -2.17
N VAL A 179 3.64 -13.71 -3.16
CA VAL A 179 2.33 -13.10 -3.02
C VAL A 179 1.54 -13.69 -1.85
N HIS A 180 1.45 -15.02 -1.82
CA HIS A 180 0.76 -15.69 -0.74
C HIS A 180 1.35 -15.34 0.64
N ALA A 181 2.67 -15.34 0.76
CA ALA A 181 3.32 -14.96 2.02
C ALA A 181 2.99 -13.53 2.44
N ALA A 182 2.94 -12.62 1.46
CA ALA A 182 2.64 -11.22 1.75
C ALA A 182 1.23 -11.06 2.34
N VAL A 183 0.26 -11.69 1.70
CA VAL A 183 -1.11 -11.62 2.17
C VAL A 183 -1.25 -12.25 3.54
N MET A 184 -0.59 -13.40 3.76
CA MET A 184 -0.63 -14.05 5.07
C MET A 184 -0.02 -13.15 6.15
N MET A 185 1.01 -12.39 5.81
CA MET A 185 1.53 -11.39 6.73
C MET A 185 0.49 -10.31 7.02
N LEU A 186 -0.18 -9.83 5.99
CA LEU A 186 -1.23 -8.85 6.19
C LEU A 186 -2.36 -9.43 7.07
N GLU A 187 -2.79 -10.65 6.75
CA GLU A 187 -3.84 -11.30 7.55
C GLU A 187 -3.40 -11.56 8.98
N ARG A 188 -2.11 -11.78 9.20
CA ARG A 188 -1.63 -11.97 10.56
C ARG A 188 -1.66 -10.66 11.35
N ALA A 189 -1.29 -9.55 10.72
CA ALA A 189 -1.42 -8.22 11.33
C ALA A 189 -2.87 -7.94 11.74
N CYS A 190 -3.81 -8.31 10.89
CA CYS A 190 -5.24 -8.15 11.20
C CYS A 190 -5.67 -8.87 12.45
N ASP A 191 -5.25 -10.14 12.56
CA ASP A 191 -5.57 -10.97 13.72
C ASP A 191 -4.98 -10.34 14.96
N LEU A 192 -3.73 -9.91 14.86
CA LEU A 192 -3.00 -9.33 15.99
C LEU A 192 -3.61 -8.01 16.46
N TRP A 193 -4.02 -7.18 15.49
CA TRP A 193 -4.34 -5.79 15.77
C TRP A 193 -5.27 -5.19 14.70
N PRO A 194 -6.54 -5.64 14.68
CA PRO A 194 -7.56 -5.29 13.67
C PRO A 194 -7.61 -3.79 13.37
N SER A 195 -7.45 -2.98 14.41
CA SER A 195 -7.72 -1.55 14.33
C SER A 195 -6.50 -0.75 13.90
N TYR A 196 -5.37 -1.42 13.72
CA TYR A 196 -4.11 -0.73 13.38
C TYR A 196 -4.20 0.41 12.33
N GLN A 197 -3.62 1.57 12.67
CA GLN A 197 -3.69 2.75 11.81
C GLN A 197 -5.07 2.91 11.20
N GLU A 198 -6.08 3.04 12.04
CA GLU A 198 -7.44 3.28 11.57
C GLU A 198 -7.85 2.29 10.44
N GLY A 199 -7.49 1.03 10.62
CA GLY A 199 -7.88 -0.02 9.69
C GLY A 199 -7.08 -0.09 8.38
N ALA A 200 -5.89 0.51 8.35
CA ALA A 200 -5.09 0.54 7.12
C ALA A 200 -4.83 -0.83 6.48
N VAL A 201 -4.70 -1.87 7.30
CA VAL A 201 -4.45 -3.22 6.78
C VAL A 201 -5.65 -3.71 5.95
N TRP A 202 -6.86 -3.46 6.44
CA TRP A 202 -8.07 -3.89 5.77
C TRP A 202 -8.20 -3.22 4.43
N ASN A 203 -7.69 -2.01 4.34
CA ASN A 203 -7.68 -1.25 3.10
C ASN A 203 -6.84 -1.96 2.03
N VAL A 204 -5.60 -2.31 2.36
CA VAL A 204 -4.75 -3.01 1.42
C VAL A 204 -5.34 -4.39 1.06
N LEU A 205 -5.94 -5.07 2.03
CA LEU A 205 -6.54 -6.38 1.76
C LEU A 205 -7.74 -6.27 0.83
N THR A 206 -8.54 -5.23 1.03
CA THR A 206 -9.71 -5.02 0.17
C THR A 206 -9.23 -4.93 -1.27
N LYS A 207 -8.23 -4.08 -1.49
CA LYS A 207 -7.68 -3.89 -2.82
C LYS A 207 -7.09 -5.16 -3.37
N PHE A 208 -6.35 -5.92 -2.56
CA PHE A 208 -5.80 -7.16 -3.06
C PHE A 208 -6.90 -8.13 -3.49
N TYR A 209 -7.85 -8.41 -2.59
CA TYR A 209 -8.88 -9.41 -2.87
C TYR A 209 -9.69 -9.06 -4.07
N ALA A 210 -10.00 -7.76 -4.24
CA ALA A 210 -10.88 -7.35 -5.32
C ALA A 210 -10.19 -7.46 -6.66
N ALA A 211 -8.87 -7.29 -6.66
CA ALA A 211 -8.11 -7.22 -7.89
C ALA A 211 -7.42 -8.52 -8.22
N ALA A 212 -7.31 -9.41 -7.24
CA ALA A 212 -6.53 -10.63 -7.46
C ALA A 212 -7.35 -11.75 -8.07
N PRO A 213 -6.76 -12.45 -9.06
CA PRO A 213 -7.34 -13.68 -9.61
C PRO A 213 -7.60 -14.64 -8.47
N GLU A 214 -8.69 -15.38 -8.54
CA GLU A 214 -9.08 -16.32 -7.49
C GLU A 214 -8.11 -17.50 -7.37
N SER A 215 -7.21 -17.61 -8.35
CA SER A 215 -6.14 -18.60 -8.29
C SER A 215 -5.07 -18.10 -7.33
N PHE A 216 -4.97 -16.77 -7.21
CA PHE A 216 -4.00 -16.14 -6.31
C PHE A 216 -4.62 -15.72 -4.96
N GLY A 217 -5.83 -16.20 -4.69
CA GLY A 217 -6.48 -15.96 -3.40
C GLY A 217 -7.53 -14.86 -3.34
N GLY A 218 -7.76 -14.20 -4.48
CA GLY A 218 -8.73 -13.11 -4.54
C GLY A 218 -10.16 -13.56 -4.32
N GLY A 219 -11.10 -12.65 -4.56
CA GLY A 219 -12.50 -12.95 -4.39
C GLY A 219 -13.24 -11.78 -3.82
N MET A 220 -14.42 -11.51 -4.36
CA MET A 220 -15.16 -10.30 -4.02
C MET A 220 -15.83 -10.40 -2.66
N GLU A 221 -16.14 -11.60 -2.24
CA GLU A 221 -16.77 -11.77 -0.94
C GLU A 221 -15.72 -11.40 0.11
N LYS A 222 -14.51 -11.91 -0.07
CA LYS A 222 -13.40 -11.55 0.80
C LYS A 222 -13.17 -10.05 0.78
N ALA A 223 -13.20 -9.46 -0.40
CA ALA A 223 -12.94 -8.03 -0.52
C ALA A 223 -13.96 -7.21 0.26
N HIS A 224 -15.23 -7.62 0.20
CA HIS A 224 -16.31 -6.90 0.88
C HIS A 224 -16.22 -6.98 2.39
N THR A 225 -15.88 -8.17 2.90
CA THR A 225 -15.71 -8.35 4.33
C THR A 225 -14.52 -7.53 4.86
N ALA A 226 -13.44 -7.49 4.09
CA ALA A 226 -12.30 -6.67 4.46
C ALA A 226 -12.71 -5.20 4.51
N PHE A 227 -13.47 -4.74 3.51
CA PHE A 227 -13.99 -3.39 3.51
C PHE A 227 -14.93 -3.08 4.68
N GLU A 228 -15.77 -4.04 5.08
CA GLU A 228 -16.60 -3.89 6.25
C GLU A 228 -15.77 -3.64 7.52
N HIS A 229 -14.66 -4.36 7.67
CA HIS A 229 -13.80 -4.11 8.83
C HIS A 229 -13.19 -2.70 8.76
N LEU A 230 -12.77 -2.29 7.56
CA LEU A 230 -12.19 -0.96 7.36
C LEU A 230 -13.12 0.15 7.86
N THR A 231 -14.40 0.06 7.50
CA THR A 231 -15.38 1.09 7.88
C THR A 231 -15.55 1.22 9.40
N ARG A 232 -15.23 0.17 10.14
CA ARG A 232 -15.32 0.22 11.59
C ARG A 232 -14.25 1.13 12.20
N TYR A 233 -13.11 1.24 11.53
CA TYR A 233 -11.95 1.88 12.12
C TYR A 233 -11.51 3.18 11.47
N CYS A 234 -11.98 3.44 10.25
CA CYS A 234 -11.42 4.53 9.45
C CYS A 234 -12.00 5.88 9.83
N SER A 235 -11.26 6.93 9.47
CA SER A 235 -11.67 8.31 9.77
C SER A 235 -12.58 8.92 8.70
N ALA A 236 -13.53 9.72 9.16
CA ALA A 236 -14.34 10.57 8.30
C ALA A 236 -13.50 11.54 7.47
N HIS A 237 -12.29 11.84 7.94
CA HIS A 237 -11.37 12.75 7.26
C HIS A 237 -10.50 12.00 6.27
N ASP A 238 -10.75 10.70 6.13
CA ASP A 238 -9.95 9.88 5.25
C ASP A 238 -10.64 9.69 3.88
N PRO A 239 -9.97 10.12 2.80
CA PRO A 239 -10.54 9.97 1.45
C PRO A 239 -10.32 8.58 0.88
N ASP A 240 -9.32 7.89 1.41
CA ASP A 240 -8.87 6.61 0.84
C ASP A 240 -9.89 5.50 0.92
N HIS A 241 -10.63 5.44 2.01
CA HIS A 241 -11.62 4.37 2.10
C HIS A 241 -12.73 4.62 1.09
N HIS A 242 -13.07 5.88 0.83
CA HIS A 242 -14.07 6.21 -0.22
C HIS A 242 -13.56 5.79 -1.60
N ILE A 243 -12.30 6.11 -1.89
CA ILE A 243 -11.68 5.77 -3.17
C ILE A 243 -11.58 4.25 -3.35
N THR A 244 -11.17 3.56 -2.30
CA THR A 244 -11.14 2.10 -2.34
C THR A 244 -12.52 1.51 -2.69
N TYR A 245 -13.56 2.03 -2.04
CA TYR A 245 -14.93 1.58 -2.33
C TYR A 245 -15.26 1.76 -3.81
N ALA A 246 -14.95 2.94 -4.35
CA ALA A 246 -15.27 3.26 -5.75
C ALA A 246 -14.46 2.42 -6.73
N ASP A 247 -13.17 2.33 -6.48
CA ASP A 247 -12.21 1.77 -7.42
C ASP A 247 -12.14 0.24 -7.37
N ALA A 248 -12.03 -0.32 -6.17
CA ALA A 248 -11.90 -1.76 -6.01
C ALA A 248 -13.23 -2.50 -6.11
N LEU A 249 -14.30 -1.88 -5.62
CA LEU A 249 -15.59 -2.54 -5.50
C LEU A 249 -16.63 -2.09 -6.52
N CYS A 250 -16.75 -0.78 -6.72
CA CYS A 250 -17.78 -0.28 -7.62
C CYS A 250 -17.47 -0.58 -9.07
N ILE A 251 -16.21 -0.43 -9.46
CA ILE A 251 -15.85 -0.65 -10.86
C ILE A 251 -16.11 -2.08 -11.35
N PRO A 252 -15.57 -3.10 -10.65
CA PRO A 252 -15.80 -4.48 -11.12
C PRO A 252 -17.27 -4.85 -11.12
N LEU A 253 -18.06 -4.28 -10.23
CA LEU A 253 -19.50 -4.56 -10.14
C LEU A 253 -20.38 -3.61 -10.97
N ASN A 254 -19.76 -2.75 -11.76
CA ASN A 254 -20.53 -1.84 -12.62
C ASN A 254 -21.53 -1.01 -11.83
N ASN A 255 -21.15 -0.59 -10.62
CA ASN A 255 -21.98 0.31 -9.83
C ASN A 255 -21.50 1.75 -9.99
N ARG A 256 -21.93 2.39 -11.08
CA ARG A 256 -21.52 3.76 -11.35
C ARG A 256 -22.10 4.76 -10.36
N ALA A 257 -23.35 4.56 -9.96
CA ALA A 257 -23.98 5.39 -8.93
C ALA A 257 -23.12 5.47 -7.67
N GLY A 258 -22.78 4.32 -7.09
CA GLY A 258 -21.96 4.25 -5.89
C GLY A 258 -20.55 4.83 -6.09
N PHE A 259 -19.95 4.51 -7.23
CA PHE A 259 -18.68 5.09 -7.64
C PHE A 259 -18.71 6.62 -7.48
N ASP A 260 -19.72 7.26 -8.07
CA ASP A 260 -19.83 8.72 -8.03
C ASP A 260 -20.00 9.29 -6.63
N GLU A 261 -20.99 8.77 -5.89
CA GLU A 261 -21.18 9.17 -4.49
C GLU A 261 -19.90 9.03 -3.68
N ALA A 262 -19.24 7.89 -3.80
CA ALA A 262 -18.07 7.61 -2.97
C ALA A 262 -17.00 8.65 -3.22
N LEU A 263 -16.75 8.95 -4.50
CA LEU A 263 -15.74 9.93 -4.87
C LEU A 263 -16.15 11.36 -4.49
N ASP A 264 -17.46 11.62 -4.51
CA ASP A 264 -17.93 12.91 -4.04
C ASP A 264 -17.64 13.05 -2.55
N ARG A 265 -17.80 11.95 -1.82
CA ARG A 265 -17.44 11.95 -0.41
C ARG A 265 -15.92 12.15 -0.20
N ALA A 266 -15.09 11.48 -1.00
CA ALA A 266 -13.63 11.69 -0.94
C ALA A 266 -13.28 13.15 -1.17
N LEU A 267 -13.96 13.78 -2.12
CA LEU A 267 -13.67 15.18 -2.48
C LEU A 267 -14.31 16.22 -1.57
N ALA A 268 -15.23 15.82 -0.71
CA ALA A 268 -15.88 16.78 0.19
C ALA A 268 -14.96 17.10 1.38
N ILE A 269 -13.99 16.25 1.62
CA ILE A 269 -13.04 16.46 2.72
C ILE A 269 -12.18 17.71 2.50
N ASP A 270 -12.09 18.53 3.53
CA ASP A 270 -11.28 19.75 3.46
C ASP A 270 -9.90 19.49 4.09
N PRO A 271 -8.85 19.43 3.24
CA PRO A 271 -7.48 19.16 3.63
C PRO A 271 -7.01 20.09 4.74
N GLU A 272 -7.48 21.33 4.74
CA GLU A 272 -7.12 22.28 5.79
C GLU A 272 -7.69 21.88 7.16
N SER A 273 -8.69 21.01 7.19
CA SER A 273 -9.38 20.63 8.42
C SER A 273 -8.88 19.31 9.04
N VAL A 274 -8.12 18.55 8.27
CA VAL A 274 -7.67 17.24 8.75
C VAL A 274 -6.65 17.37 9.88
N PRO A 275 -6.72 16.47 10.85
CA PRO A 275 -5.83 16.52 12.02
C PRO A 275 -4.39 16.22 11.65
N HIS A 276 -4.18 15.45 10.59
CA HIS A 276 -2.84 15.17 10.15
C HIS A 276 -2.85 14.52 8.76
N ASN A 277 -1.67 14.27 8.20
CA ASN A 277 -1.51 13.73 6.85
C ASN A 277 -2.17 14.54 5.74
N LYS A 278 -2.24 15.85 5.94
CA LYS A 278 -2.72 16.71 4.87
C LYS A 278 -2.12 16.33 3.51
N LEU A 279 -0.83 16.01 3.46
CA LEU A 279 -0.20 15.65 2.19
C LEU A 279 -0.88 14.44 1.53
N LEU A 280 -1.12 13.40 2.30
CA LEU A 280 -1.72 12.19 1.73
C LEU A 280 -3.15 12.46 1.26
N VAL A 281 -3.92 13.23 2.03
CA VAL A 281 -5.25 13.66 1.62
C VAL A 281 -5.22 14.37 0.26
N ILE A 282 -4.31 15.33 0.11
CA ILE A 282 -4.11 16.04 -1.16
C ILE A 282 -3.82 15.06 -2.29
N LEU A 283 -2.96 14.08 -2.02
CA LEU A 283 -2.62 13.06 -3.02
C LEU A 283 -3.85 12.24 -3.41
N SER A 284 -4.56 11.76 -2.39
CA SER A 284 -5.76 10.97 -2.63
C SER A 284 -6.83 11.76 -3.36
N GLN A 285 -6.97 13.04 -3.05
CA GLN A 285 -7.99 13.80 -3.74
C GLN A 285 -7.66 14.02 -5.23
N LYS A 286 -6.37 14.21 -5.54
CA LYS A 286 -5.93 14.22 -6.94
C LYS A 286 -6.35 12.94 -7.64
N ARG A 287 -6.17 11.81 -6.97
CA ARG A 287 -6.55 10.53 -7.54
C ARG A 287 -8.07 10.37 -7.77
N ALA A 288 -8.88 10.80 -6.80
CA ALA A 288 -10.34 10.79 -6.94
C ALA A 288 -10.82 11.71 -8.07
N ARG A 289 -10.22 12.89 -8.17
CA ARG A 289 -10.52 13.78 -9.29
C ARG A 289 -10.23 13.10 -10.64
N TRP A 290 -9.11 12.40 -10.73
CA TRP A 290 -8.76 11.70 -11.97
C TRP A 290 -9.77 10.58 -12.29
N LEU A 291 -10.12 9.79 -11.28
CA LEU A 291 -11.12 8.74 -11.44
C LEU A 291 -12.43 9.31 -11.98
N LYS A 292 -12.92 10.38 -11.37
CA LYS A 292 -14.14 11.03 -11.86
C LYS A 292 -14.00 11.46 -13.34
N ALA A 293 -12.89 12.11 -13.68
CA ALA A 293 -12.69 12.54 -15.07
C ALA A 293 -12.70 11.36 -16.04
N HIS A 294 -12.21 10.22 -15.57
CA HIS A 294 -12.12 9.02 -16.41
C HIS A 294 -13.23 8.01 -16.18
N VAL A 295 -14.37 8.46 -15.68
CA VAL A 295 -15.44 7.52 -15.33
C VAL A 295 -15.86 6.67 -16.54
N GLN A 296 -15.89 7.28 -17.72
CA GLN A 296 -16.30 6.62 -18.96
C GLN A 296 -15.42 5.43 -19.36
N ASP A 297 -14.19 5.43 -18.86
CA ASP A 297 -13.25 4.33 -19.09
C ASP A 297 -13.70 3.08 -18.35
N PHE A 298 -14.43 3.27 -17.26
CA PHE A 298 -14.69 2.19 -16.32
C PHE A 298 -16.11 1.61 -16.38
N PHE A 299 -17.05 2.39 -16.89
CA PHE A 299 -18.44 1.92 -17.03
C PHE A 299 -18.99 2.00 -18.45
N LEU A 300 -20.12 1.33 -18.69
CA LEU A 300 -20.81 1.36 -19.98
C LEU A 300 -22.29 1.70 -19.81
#